data_7NDJ
#
_entry.id   7NDJ
#
_cell.length_a   63.248
_cell.length_b   63.248
_cell.length_c   114.544
_cell.angle_alpha   90.000
_cell.angle_beta   90.000
_cell.angle_gamma   90.000
#
_symmetry.space_group_name_H-M   'P 41'
#
loop_
_entity.id
_entity.type
_entity.pdbx_description
1 polymer 'Probable ribonuclease ZC3H12C'
2 polymer "RNA (5'-R(*UP*UP*AP*UP*UP*AP*U)-3')"
3 non-polymer 1,2-ETHANEDIOL
4 non-polymer 'SODIUM ION'
5 non-polymer 'ZINC ION'
6 water water
#
loop_
_entity_poly.entity_id
_entity_poly.type
_entity_poly.pdbx_seq_one_letter_code
_entity_poly.pdbx_strand_id
1 'polypeptide(L)'
;GENLRPVVINGSNVAMSHGNKEVFSCRGIKLAVDWFLERGHKDITVFVPAWRKEQSRPDALITDQEILRKLEKEKILVFT
PSRRVQGRRVVCYDDRFIVKLAFESDGIIVSNDNYRDLANEKPEWKKFIDERLLMYSFVNDKFMPPDDPLGRHGPSLDNF
LRKKPIVPEHKKQPCPYGKKCTYGHKCKYYHP
;
A,B
2 'polyribonucleotide' UUAUUAU C
#
# COMPACT_ATOMS: atom_id res chain seq x y z
N GLY A 1 -15.67 5.32 -6.45
CA GLY A 1 -15.12 5.09 -5.12
C GLY A 1 -14.05 4.00 -5.10
N GLU A 2 -14.05 3.17 -6.14
CA GLU A 2 -13.11 2.05 -6.21
C GLU A 2 -11.66 2.54 -6.29
N ASN A 3 -11.43 3.65 -6.99
CA ASN A 3 -10.09 4.18 -7.16
C ASN A 3 -9.73 5.22 -6.11
N LEU A 4 -10.53 5.40 -5.06
CA LEU A 4 -10.36 6.52 -4.14
C LEU A 4 -9.69 6.10 -2.85
N ARG A 5 -8.86 7.00 -2.31
CA ARG A 5 -8.20 6.64 -1.06
C ARG A 5 -9.15 6.77 0.13
N PRO A 6 -9.02 5.89 1.12
CA PRO A 6 -9.76 6.10 2.38
C PRO A 6 -9.40 7.44 3.01
N VAL A 7 -10.37 8.06 3.66
CA VAL A 7 -10.21 9.40 4.23
C VAL A 7 -10.35 9.32 5.74
N VAL A 8 -9.35 9.82 6.47
CA VAL A 8 -9.38 9.80 7.94
C VAL A 8 -9.26 11.25 8.40
N ILE A 9 -10.22 11.72 9.18
CA ILE A 9 -10.33 13.15 9.54
C ILE A 9 -10.08 13.34 11.04
N ASN A 10 -9.22 14.31 11.36
CA ASN A 10 -9.03 14.78 12.74
C ASN A 10 -10.21 15.68 13.07
N GLY A 11 -11.26 15.08 13.67
CA GLY A 11 -12.50 15.82 13.90
C GLY A 11 -12.33 17.02 14.79
N SER A 12 -11.53 16.90 15.86
CA SER A 12 -11.34 18.02 16.77
C SER A 12 -10.63 19.19 16.08
N ASN A 13 -9.61 18.89 15.27
CA ASN A 13 -8.90 19.96 14.55
C ASN A 13 -9.84 20.74 13.63
N VAL A 14 -10.70 20.01 12.91
CA VAL A 14 -11.64 20.60 11.97
C VAL A 14 -12.71 21.42 12.71
N ALA A 15 -13.23 20.90 13.85
CA ALA A 15 -14.24 21.63 14.61
C ALA A 15 -13.68 22.88 15.26
N MET A 16 -12.43 22.83 15.72
CA MET A 16 -11.83 24.06 16.24
C MET A 16 -11.62 25.08 15.13
N SER A 17 -11.25 24.62 13.93
CA SER A 17 -10.96 25.56 12.84
C SER A 17 -12.23 26.30 12.36
N HIS A 18 -13.36 25.59 12.29
CA HIS A 18 -14.61 26.15 11.78
C HIS A 18 -15.25 27.11 12.80
N GLY A 19 -15.95 28.11 12.28
CA GLY A 19 -16.65 29.04 13.15
C GLY A 19 -15.67 29.79 14.02
N ASN A 20 -16.05 30.00 15.27
CA ASN A 20 -15.21 30.68 16.25
C ASN A 20 -13.98 29.84 16.52
N LYS A 21 -12.80 30.45 16.38
CA LYS A 21 -11.59 29.65 16.50
C LYS A 21 -11.44 29.02 17.89
N GLU A 22 -12.14 29.55 18.89
CA GLU A 22 -12.04 29.01 20.25
C GLU A 22 -13.22 28.11 20.62
N VAL A 23 -14.04 27.71 19.66
CA VAL A 23 -15.23 26.88 19.92
C VAL A 23 -15.14 25.60 19.10
N PHE A 24 -15.52 24.47 19.72
CA PHE A 24 -15.63 23.20 19.00
C PHE A 24 -16.91 23.25 18.17
N SER A 25 -16.80 23.56 16.88
CA SER A 25 -17.96 23.83 16.04
C SER A 25 -18.25 22.59 15.18
N CYS A 26 -19.26 21.82 15.59
CA CYS A 26 -19.45 20.49 15.00
C CYS A 26 -19.93 20.54 13.55
N ARG A 27 -20.61 21.64 13.17
CA ARG A 27 -20.97 21.80 11.77
C ARG A 27 -19.74 21.74 10.86
N GLY A 28 -18.59 22.17 11.36
CA GLY A 28 -17.37 22.06 10.57
C GLY A 28 -17.04 20.63 10.18
N ILE A 29 -17.26 19.67 11.10
CA ILE A 29 -17.05 18.27 10.77
C ILE A 29 -18.02 17.85 9.68
N LYS A 30 -19.29 18.20 9.86
CA LYS A 30 -20.27 17.86 8.82
C LYS A 30 -19.90 18.44 7.46
N LEU A 31 -19.43 19.69 7.43
CA LEU A 31 -19.11 20.32 6.14
C LEU A 31 -17.93 19.62 5.45
N ALA A 32 -16.89 19.28 6.21
CA ALA A 32 -15.76 18.53 5.64
C ALA A 32 -16.20 17.17 5.10
N VAL A 33 -16.96 16.43 5.92
CA VAL A 33 -17.44 15.13 5.47
C VAL A 33 -18.24 15.27 4.18
N ASP A 34 -19.14 16.26 4.12
CA ASP A 34 -19.96 16.45 2.94
C ASP A 34 -19.10 16.75 1.72
N TRP A 35 -18.01 17.49 1.92
CA TRP A 35 -17.12 17.79 0.79
C TRP A 35 -16.59 16.51 0.17
N PHE A 36 -16.23 15.51 1.02
CA PHE A 36 -15.72 14.25 0.47
C PHE A 36 -16.82 13.36 -0.09
N LEU A 37 -17.97 13.31 0.58
CA LEU A 37 -19.10 12.53 0.06
C LEU A 37 -19.51 13.00 -1.33
N GLU A 38 -19.53 14.30 -1.57
CA GLU A 38 -20.04 14.75 -2.85
C GLU A 38 -19.08 14.42 -3.99
N ARG A 39 -17.83 14.12 -3.68
CA ARG A 39 -16.87 13.69 -4.70
C ARG A 39 -16.88 12.18 -4.90
N GLY A 40 -17.74 11.46 -4.18
CA GLY A 40 -17.85 10.02 -4.37
C GLY A 40 -17.13 9.18 -3.32
N HIS A 41 -16.50 9.79 -2.33
CA HIS A 41 -15.82 9.00 -1.32
C HIS A 41 -16.83 8.24 -0.49
N LYS A 42 -16.60 6.94 -0.31
CA LYS A 42 -17.47 6.09 0.49
C LYS A 42 -16.83 5.60 1.78
N ASP A 43 -15.52 5.77 1.94
CA ASP A 43 -14.77 5.29 3.09
C ASP A 43 -14.20 6.52 3.81
N ILE A 44 -14.94 7.00 4.81
CA ILE A 44 -14.61 8.19 5.58
C ILE A 44 -14.75 7.89 7.05
N THR A 45 -13.73 8.25 7.84
CA THR A 45 -13.74 8.03 9.29
C THR A 45 -13.35 9.33 9.97
N VAL A 46 -14.19 9.83 10.87
CA VAL A 46 -13.85 11.01 11.68
C VAL A 46 -13.60 10.55 13.10
N PHE A 47 -12.42 10.81 13.66
CA PHE A 47 -12.18 10.44 15.05
C PHE A 47 -12.36 11.66 15.94
N VAL A 48 -13.09 11.50 17.04
CA VAL A 48 -13.28 12.52 18.07
C VAL A 48 -13.21 11.86 19.45
N PRO A 49 -12.58 12.46 20.48
CA PRO A 49 -12.58 11.81 21.81
C PRO A 49 -13.99 11.77 22.41
N ALA A 50 -14.26 10.67 23.13
CA ALA A 50 -15.60 10.45 23.70
C ALA A 50 -15.99 11.57 24.67
N TRP A 51 -15.03 12.21 25.31
CA TRP A 51 -15.40 13.22 26.30
C TRP A 51 -16.03 14.45 25.67
N ARG A 52 -15.97 14.59 24.34
CA ARG A 52 -16.69 15.67 23.69
C ARG A 52 -18.20 15.46 23.72
N LYS A 53 -18.68 14.31 24.21
CA LYS A 53 -20.10 14.16 24.50
C LYS A 53 -20.50 14.78 25.84
N GLU A 54 -19.53 15.24 26.63
CA GLU A 54 -19.84 15.94 27.88
C GLU A 54 -20.53 17.29 27.58
N GLN A 55 -21.26 17.78 28.58
CA GLN A 55 -21.97 19.04 28.42
C GLN A 55 -21.00 20.19 28.20
N SER A 56 -21.42 21.15 27.37
CA SER A 56 -20.64 22.37 27.13
C SER A 56 -20.32 23.08 28.44
N ARG A 57 -19.08 23.55 28.56
CA ARG A 57 -18.56 24.25 29.73
C ARG A 57 -17.77 25.45 29.24
N PRO A 58 -17.51 26.43 30.11
CA PRO A 58 -16.82 27.66 29.64
C PRO A 58 -15.44 27.41 29.05
N ASP A 59 -14.69 26.44 29.55
CA ASP A 59 -13.39 26.11 28.97
C ASP A 59 -13.45 24.99 27.93
N ALA A 60 -14.65 24.55 27.53
CA ALA A 60 -14.78 23.58 26.45
C ALA A 60 -16.10 23.84 25.70
N LEU A 61 -16.21 25.02 25.09
CA LEU A 61 -17.43 25.39 24.40
C LEU A 61 -17.63 24.55 23.15
N ILE A 62 -18.88 24.14 22.89
CA ILE A 62 -19.21 23.32 21.73
C ILE A 62 -20.54 23.79 21.16
N THR A 63 -20.69 23.72 19.83
CA THR A 63 -21.94 24.07 19.19
C THR A 63 -22.41 22.92 18.30
N ASP A 64 -23.73 22.73 18.25
CA ASP A 64 -24.35 21.66 17.47
C ASP A 64 -23.80 20.28 17.85
N GLN A 65 -23.73 20.03 19.15
CA GLN A 65 -23.17 18.78 19.68
C GLN A 65 -23.90 17.54 19.16
N GLU A 66 -25.20 17.66 18.91
CA GLU A 66 -25.97 16.49 18.45
C GLU A 66 -25.38 15.90 17.17
N ILE A 67 -24.72 16.73 16.35
CA ILE A 67 -24.10 16.23 15.12
C ILE A 67 -23.20 15.03 15.40
N LEU A 68 -22.42 15.07 16.49
CA LEU A 68 -21.49 13.98 16.75
C LEU A 68 -22.22 12.64 16.86
N ARG A 69 -23.26 12.57 17.70
CA ARG A 69 -23.93 11.28 17.86
C ARG A 69 -24.57 10.86 16.56
N LYS A 70 -25.08 11.82 15.77
CA LYS A 70 -25.70 11.44 14.51
C LYS A 70 -24.67 10.86 13.56
N LEU A 71 -23.50 11.51 13.48
CA LEU A 71 -22.46 10.98 12.60
C LEU A 71 -21.98 9.63 13.11
N GLU A 72 -22.07 9.40 14.42
CA GLU A 72 -21.66 8.08 14.90
C GLU A 72 -22.66 7.03 14.44
N LYS A 73 -23.95 7.37 14.47
CA LYS A 73 -24.95 6.42 14.03
C LYS A 73 -24.83 6.15 12.54
N GLU A 74 -24.36 7.13 11.78
CA GLU A 74 -24.12 6.89 10.36
C GLU A 74 -22.81 6.15 10.08
N LYS A 75 -22.06 5.72 11.11
CA LYS A 75 -20.78 5.02 10.96
C LYS A 75 -19.76 5.86 10.22
N ILE A 76 -19.85 7.18 10.35
CA ILE A 76 -18.83 8.07 9.84
C ILE A 76 -17.90 8.52 10.96
N LEU A 77 -18.45 8.87 12.11
CA LEU A 77 -17.67 9.29 13.25
C LEU A 77 -17.48 8.12 14.21
N VAL A 78 -16.27 8.05 14.76
CA VAL A 78 -15.90 7.04 15.76
C VAL A 78 -15.31 7.77 16.97
N PHE A 79 -15.85 7.49 18.16
CA PHE A 79 -15.30 8.09 19.37
C PHE A 79 -14.08 7.30 19.83
N THR A 80 -13.00 8.03 20.17
CA THR A 80 -11.87 7.34 20.78
C THR A 80 -12.07 7.31 22.29
N PRO A 81 -11.53 6.30 22.99
CA PRO A 81 -11.92 6.08 24.39
C PRO A 81 -11.49 7.19 25.33
N SER A 82 -12.37 7.49 26.28
CA SER A 82 -12.12 8.41 27.38
CA SER A 82 -12.02 8.32 27.42
C SER A 82 -12.93 7.93 28.57
N ARG A 83 -12.41 8.10 29.78
CA ARG A 83 -13.16 7.71 30.97
C ARG A 83 -12.68 8.53 32.16
N ARG A 84 -13.23 8.23 33.33
CA ARG A 84 -12.83 8.89 34.56
C ARG A 84 -12.21 7.86 35.50
N VAL A 85 -11.13 8.27 36.16
CA VAL A 85 -10.49 7.49 37.23
C VAL A 85 -10.24 8.46 38.37
N GLN A 86 -10.82 8.19 39.53
CA GLN A 86 -10.58 9.01 40.71
C GLN A 86 -10.89 10.47 40.44
N GLY A 87 -11.98 10.72 39.69
CA GLY A 87 -12.42 12.08 39.41
C GLY A 87 -11.69 12.74 38.27
N ARG A 88 -10.63 12.11 37.76
CA ARG A 88 -9.79 12.68 36.71
C ARG A 88 -10.17 12.10 35.36
N ARG A 89 -10.15 12.93 34.34
CA ARG A 89 -10.36 12.44 32.98
C ARG A 89 -9.09 11.74 32.50
N VAL A 90 -9.24 10.49 32.05
CA VAL A 90 -8.18 9.72 31.42
C VAL A 90 -8.55 9.58 29.94
N VAL A 91 -7.77 10.21 29.08
CA VAL A 91 -8.07 10.25 27.65
C VAL A 91 -7.00 9.48 26.87
N CYS A 92 -7.45 8.58 26.00
CA CYS A 92 -6.57 7.97 25.02
C CYS A 92 -6.31 9.00 23.92
N TYR A 93 -5.08 9.02 23.43
CA TYR A 93 -4.70 10.02 22.42
C TYR A 93 -5.37 9.73 21.09
N ASP A 94 -6.20 10.66 20.58
CA ASP A 94 -6.86 10.35 19.31
C ASP A 94 -5.92 10.44 18.13
N ASP A 95 -4.81 11.18 18.25
CA ASP A 95 -3.89 11.31 17.12
C ASP A 95 -3.36 9.94 16.70
N ARG A 96 -3.11 9.05 17.66
CA ARG A 96 -2.60 7.73 17.31
C ARG A 96 -3.63 6.88 16.55
N PHE A 97 -4.93 7.01 16.89
CA PHE A 97 -5.96 6.33 16.11
C PHE A 97 -5.97 6.86 14.68
N ILE A 98 -5.89 8.19 14.55
CA ILE A 98 -5.96 8.80 13.23
C ILE A 98 -4.79 8.32 12.35
N VAL A 99 -3.57 8.43 12.88
CA VAL A 99 -2.40 8.03 12.10
C VAL A 99 -2.44 6.53 11.83
N LYS A 100 -2.67 5.71 12.86
CA LYS A 100 -2.62 4.28 12.65
C LYS A 100 -3.66 3.81 11.64
N LEU A 101 -4.90 4.31 11.72
CA LEU A 101 -5.90 3.89 10.73
C LEU A 101 -5.51 4.34 9.33
N ALA A 102 -5.13 5.61 9.16
CA ALA A 102 -4.76 6.05 7.82
C ALA A 102 -3.61 5.22 7.27
N PHE A 103 -2.61 4.93 8.10
CA PHE A 103 -1.43 4.17 7.69
C PHE A 103 -1.81 2.76 7.29
N GLU A 104 -2.56 2.07 8.15
CA GLU A 104 -2.91 0.68 7.85
C GLU A 104 -3.88 0.57 6.69
N SER A 105 -4.66 1.62 6.39
CA SER A 105 -5.60 1.59 5.27
C SER A 105 -5.07 2.24 4.00
N ASP A 106 -3.82 2.73 4.02
CA ASP A 106 -3.23 3.39 2.84
C ASP A 106 -4.07 4.60 2.41
N GLY A 107 -4.46 5.43 3.38
CA GLY A 107 -5.37 6.52 3.14
C GLY A 107 -4.71 7.89 3.20
N ILE A 108 -5.52 8.91 3.49
CA ILE A 108 -5.04 10.27 3.67
C ILE A 108 -5.60 10.81 4.99
N ILE A 109 -4.88 11.77 5.57
CA ILE A 109 -5.20 12.33 6.89
C ILE A 109 -5.61 13.79 6.71
N VAL A 110 -6.83 14.14 7.12
CA VAL A 110 -7.30 15.53 7.06
C VAL A 110 -7.02 16.20 8.40
N SER A 111 -6.10 17.15 8.41
CA SER A 111 -5.63 17.72 9.68
C SER A 111 -4.69 18.87 9.38
N ASN A 112 -4.80 19.97 10.12
CA ASN A 112 -3.78 21.02 9.99
C ASN A 112 -2.63 20.82 10.97
N ASP A 113 -2.72 19.79 11.83
CA ASP A 113 -1.63 19.42 12.72
C ASP A 113 -0.88 18.25 12.07
N ASN A 114 0.46 18.33 12.05
CA ASN A 114 1.21 17.28 11.37
C ASN A 114 1.86 16.28 12.33
N TYR A 115 1.41 16.22 13.59
CA TYR A 115 1.72 15.10 14.50
C TYR A 115 3.22 14.78 14.63
N ARG A 116 4.04 15.79 15.02
CA ARG A 116 5.48 15.56 15.02
C ARG A 116 5.94 14.57 16.10
N ASP A 117 5.23 14.48 17.23
CA ASP A 117 5.59 13.45 18.21
C ASP A 117 5.47 12.03 17.61
N LEU A 118 4.32 11.73 16.98
CA LEU A 118 4.17 10.40 16.38
C LEU A 118 5.13 10.21 15.21
N ALA A 119 5.36 11.25 14.41
CA ALA A 119 6.33 11.17 13.32
C ALA A 119 7.71 10.79 13.83
N ASN A 120 8.10 11.36 14.97
CA ASN A 120 9.41 11.06 15.50
C ASN A 120 9.48 9.70 16.19
N GLU A 121 8.33 9.09 16.48
CA GLU A 121 8.35 7.75 17.08
C GLU A 121 8.74 6.66 16.07
N LYS A 122 8.21 6.73 14.85
CA LYS A 122 8.38 5.67 13.84
C LYS A 122 8.72 6.34 12.52
N PRO A 123 9.89 6.06 11.92
CA PRO A 123 10.23 6.69 10.63
C PRO A 123 9.22 6.44 9.52
N GLU A 124 8.57 5.27 9.52
CA GLU A 124 7.58 5.00 8.48
C GLU A 124 6.36 5.90 8.64
N TRP A 125 5.99 6.24 9.89
CA TRP A 125 4.90 7.18 10.11
C TRP A 125 5.29 8.59 9.69
N LYS A 126 6.54 9.01 9.96
CA LYS A 126 6.94 10.34 9.50
C LYS A 126 6.81 10.46 7.99
N LYS A 127 7.35 9.48 7.24
CA LYS A 127 7.24 9.53 5.79
C LYS A 127 5.79 9.50 5.33
N PHE A 128 4.95 8.64 5.95
CA PHE A 128 3.54 8.56 5.58
C PHE A 128 2.82 9.88 5.84
N ILE A 129 2.93 10.43 7.05
CA ILE A 129 2.30 11.71 7.39
C ILE A 129 2.76 12.80 6.44
N ASP A 130 4.06 12.85 6.14
CA ASP A 130 4.53 13.93 5.28
C ASP A 130 3.97 13.81 3.86
N GLU A 131 3.70 12.58 3.39
CA GLU A 131 3.18 12.39 2.04
C GLU A 131 1.66 12.41 1.96
N ARG A 132 0.94 12.16 3.06
CA ARG A 132 -0.49 11.91 2.99
C ARG A 132 -1.32 12.88 3.81
N LEU A 133 -0.73 13.98 4.31
CA LEU A 133 -1.44 14.99 5.08
C LEU A 133 -2.20 15.92 4.14
N LEU A 134 -3.48 16.13 4.43
CA LEU A 134 -4.27 17.13 3.71
C LEU A 134 -4.62 18.23 4.69
N MET A 135 -3.95 19.40 4.54
CA MET A 135 -4.31 20.58 5.30
C MET A 135 -5.50 21.25 4.60
N TYR A 136 -6.02 22.35 5.15
CA TYR A 136 -7.25 22.95 4.61
C TYR A 136 -7.43 24.33 5.22
N SER A 137 -8.27 25.14 4.58
CA SER A 137 -8.82 26.34 5.22
C SER A 137 -10.34 26.32 5.12
N PHE A 138 -11.02 26.91 6.11
CA PHE A 138 -12.43 27.28 5.99
C PHE A 138 -12.54 28.76 5.60
N VAL A 139 -13.53 29.08 4.78
CA VAL A 139 -14.03 30.45 4.64
C VAL A 139 -15.51 30.37 4.96
N ASN A 140 -15.87 30.76 6.20
CA ASN A 140 -17.23 30.63 6.73
C ASN A 140 -17.59 29.14 6.63
N ASP A 141 -18.63 28.75 5.89
CA ASP A 141 -19.00 27.34 5.77
C ASP A 141 -18.37 26.65 4.57
N LYS A 142 -17.42 27.30 3.90
CA LYS A 142 -16.79 26.76 2.70
C LYS A 142 -15.50 26.02 3.08
N PHE A 143 -15.51 24.70 2.93
CA PHE A 143 -14.33 23.88 3.19
C PHE A 143 -13.43 23.91 1.95
N MET A 144 -12.20 24.42 2.09
CA MET A 144 -11.29 24.62 0.96
C MET A 144 -9.97 23.91 1.19
N PRO A 145 -9.85 22.63 0.79
CA PRO A 145 -8.54 21.99 0.72
C PRO A 145 -7.72 22.60 -0.41
N PRO A 146 -6.40 22.62 -0.28
CA PRO A 146 -5.54 23.17 -1.37
C PRO A 146 -5.49 22.23 -2.57
N ASP A 147 -5.51 22.83 -3.75
CA ASP A 147 -5.30 22.04 -4.96
C ASP A 147 -3.88 21.51 -5.07
N ASP A 148 -2.96 22.02 -4.25
CA ASP A 148 -1.54 21.65 -4.31
C ASP A 148 -1.09 21.17 -2.93
N PRO A 149 -1.64 20.05 -2.47
CA PRO A 149 -1.43 19.66 -1.06
C PRO A 149 0.03 19.41 -0.71
N LEU A 150 0.83 19.02 -1.69
CA LEU A 150 2.25 18.80 -1.52
C LEU A 150 3.09 19.88 -2.22
N GLY A 151 2.53 21.07 -2.40
CA GLY A 151 3.29 22.12 -3.05
C GLY A 151 3.24 22.08 -4.57
N ARG A 152 4.04 23.03 -5.13
CA ARG A 152 4.07 23.35 -6.56
CA ARG A 152 3.96 23.33 -6.55
C ARG A 152 4.19 22.11 -7.44
N HIS A 153 5.12 21.22 -7.08
CA HIS A 153 5.46 20.10 -7.96
C HIS A 153 4.82 18.79 -7.55
N GLY A 154 3.98 18.78 -6.53
CA GLY A 154 3.35 17.56 -6.09
C GLY A 154 2.14 17.24 -6.93
N PRO A 155 1.38 16.23 -6.52
CA PRO A 155 0.16 15.86 -7.26
C PRO A 155 -0.90 16.93 -7.14
N SER A 156 -1.78 16.98 -8.14
CA SER A 156 -3.03 17.70 -7.97
C SER A 156 -3.83 17.09 -6.83
N LEU A 157 -4.73 17.90 -6.25
CA LEU A 157 -5.63 17.38 -5.22
C LEU A 157 -6.50 16.25 -5.77
N ASP A 158 -6.94 16.37 -7.02
CA ASP A 158 -7.68 15.29 -7.67
C ASP A 158 -6.91 13.97 -7.63
N ASN A 159 -5.63 14.01 -8.00
CA ASN A 159 -4.86 12.77 -8.00
C ASN A 159 -4.41 12.37 -6.59
N PHE A 160 -4.19 13.33 -5.68
CA PHE A 160 -3.84 12.99 -4.30
C PHE A 160 -4.90 12.12 -3.64
N LEU A 161 -6.16 12.31 -4.02
CA LEU A 161 -7.24 11.58 -3.37
C LEU A 161 -7.57 10.26 -4.05
N ARG A 162 -6.85 9.91 -5.12
CA ARG A 162 -7.06 8.68 -5.87
C ARG A 162 -5.96 7.68 -5.57
N LYS A 163 -6.29 6.39 -5.68
CA LYS A 163 -5.28 5.35 -5.53
C LYS A 163 -4.32 5.35 -6.72
N LYS A 164 -4.84 5.48 -7.94
CA LYS A 164 -4.03 5.53 -9.15
C LYS A 164 -4.29 6.83 -9.88
N PRO A 165 -3.27 7.66 -10.14
CA PRO A 165 -3.50 8.91 -10.88
C PRO A 165 -4.20 8.65 -12.22
N ILE A 166 -5.13 9.53 -12.57
CA ILE A 166 -5.95 9.34 -13.77
C ILE A 166 -5.38 10.13 -14.97
N GLY B 1 -1.46 -19.12 -24.15
CA GLY B 1 -1.75 -18.35 -22.96
C GLY B 1 -1.59 -16.86 -23.17
N GLU B 2 -2.20 -16.05 -22.31
CA GLU B 2 -2.11 -14.61 -22.46
C GLU B 2 -2.41 -13.93 -21.12
N ASN B 3 -2.45 -12.60 -21.18
CA ASN B 3 -2.61 -11.74 -20.00
C ASN B 3 -1.58 -12.05 -18.91
N LEU B 4 -0.31 -12.22 -19.31
CA LEU B 4 0.73 -12.57 -18.34
C LEU B 4 1.20 -11.38 -17.52
N ARG B 5 1.41 -11.62 -16.23
CA ARG B 5 1.98 -10.57 -15.39
C ARG B 5 3.48 -10.40 -15.66
N PRO B 6 3.98 -9.17 -15.56
CA PRO B 6 5.44 -8.98 -15.56
C PRO B 6 6.08 -9.70 -14.37
N VAL B 7 7.29 -10.19 -14.58
CA VAL B 7 7.99 -11.00 -13.58
C VAL B 7 9.26 -10.27 -13.19
N VAL B 8 9.47 -10.08 -11.88
CA VAL B 8 10.67 -9.40 -11.36
C VAL B 8 11.36 -10.35 -10.39
N ILE B 9 12.62 -10.65 -10.65
CA ILE B 9 13.35 -11.70 -9.92
C ILE B 9 14.44 -11.06 -9.06
N ASN B 10 14.50 -11.48 -7.79
CA ASN B 10 15.59 -11.16 -6.86
C ASN B 10 16.76 -12.08 -7.25
N GLY B 11 17.64 -11.57 -8.12
CA GLY B 11 18.69 -12.39 -8.69
C GLY B 11 19.63 -12.97 -7.66
N SER B 12 19.99 -12.16 -6.64
CA SER B 12 20.91 -12.62 -5.61
C SER B 12 20.29 -13.75 -4.81
N ASN B 13 19.02 -13.59 -4.43
CA ASN B 13 18.36 -14.65 -3.67
C ASN B 13 18.39 -15.98 -4.42
N VAL B 14 18.08 -15.92 -5.72
CA VAL B 14 18.01 -17.12 -6.54
C VAL B 14 19.41 -17.74 -6.71
N ALA B 15 20.42 -16.90 -6.99
CA ALA B 15 21.79 -17.40 -7.15
C ALA B 15 22.31 -18.02 -5.87
N MET B 16 21.99 -17.44 -4.71
CA MET B 16 22.45 -18.06 -3.48
C MET B 16 21.73 -19.37 -3.23
N SER B 17 20.46 -19.46 -3.60
CA SER B 17 19.69 -20.67 -3.33
C SER B 17 20.18 -21.85 -4.18
N HIS B 18 20.58 -21.59 -5.41
CA HIS B 18 20.98 -22.63 -6.35
C HIS B 18 22.38 -23.15 -6.07
N GLY B 19 22.60 -24.43 -6.41
CA GLY B 19 23.92 -25.01 -6.22
C GLY B 19 24.28 -25.02 -4.75
N ASN B 20 25.56 -24.78 -4.48
CA ASN B 20 26.00 -24.71 -3.10
C ASN B 20 25.43 -23.47 -2.40
N LYS B 21 24.98 -23.65 -1.16
CA LYS B 21 24.29 -22.58 -0.46
C LYS B 21 25.21 -21.41 -0.13
N GLU B 22 26.52 -21.60 -0.16
CA GLU B 22 27.46 -20.53 0.15
C GLU B 22 28.00 -19.81 -1.09
N VAL B 23 27.53 -20.16 -2.27
CA VAL B 23 28.10 -19.68 -3.53
C VAL B 23 27.02 -18.92 -4.31
N PHE B 24 27.41 -17.78 -4.89
CA PHE B 24 26.51 -17.05 -5.81
C PHE B 24 26.55 -17.83 -7.13
N SER B 25 25.53 -18.64 -7.39
CA SER B 25 25.52 -19.57 -8.53
C SER B 25 24.69 -18.94 -9.65
N CYS B 26 25.35 -18.33 -10.65
CA CYS B 26 24.60 -17.60 -11.67
C CYS B 26 23.74 -18.50 -12.55
N ARG B 27 24.10 -19.80 -12.66
CA ARG B 27 23.24 -20.74 -13.33
C ARG B 27 21.84 -20.75 -12.72
N GLY B 28 21.71 -20.55 -11.41
CA GLY B 28 20.38 -20.50 -10.82
C GLY B 28 19.53 -19.38 -11.41
N ILE B 29 20.14 -18.22 -11.69
CA ILE B 29 19.39 -17.14 -12.32
C ILE B 29 18.97 -17.57 -13.73
N LYS B 30 19.90 -18.16 -14.49
CA LYS B 30 19.53 -18.62 -15.82
C LYS B 30 18.39 -19.65 -15.78
N LEU B 31 18.46 -20.61 -14.86
CA LEU B 31 17.41 -21.64 -14.78
C LEU B 31 16.06 -21.03 -14.44
N ALA B 32 16.02 -20.05 -13.52
CA ALA B 32 14.74 -19.43 -13.18
C ALA B 32 14.18 -18.65 -14.38
N VAL B 33 15.04 -17.85 -15.04
CA VAL B 33 14.61 -17.12 -16.24
C VAL B 33 14.06 -18.09 -17.29
N ASP B 34 14.79 -19.17 -17.54
CA ASP B 34 14.36 -20.15 -18.54
C ASP B 34 12.99 -20.75 -18.17
N TRP B 35 12.75 -20.97 -16.87
CA TRP B 35 11.46 -21.53 -16.45
C TRP B 35 10.32 -20.61 -16.87
N PHE B 36 10.51 -19.28 -16.71
CA PHE B 36 9.47 -18.35 -17.18
C PHE B 36 9.40 -18.25 -18.71
N LEU B 37 10.56 -18.24 -19.38
CA LEU B 37 10.55 -18.15 -20.85
C LEU B 37 9.82 -19.34 -21.47
N GLU B 38 10.09 -20.55 -20.94
CA GLU B 38 9.49 -21.77 -21.49
C GLU B 38 7.97 -21.70 -21.42
N ARG B 39 7.43 -20.93 -20.48
CA ARG B 39 6.00 -20.81 -20.32
C ARG B 39 5.40 -19.68 -21.15
N GLY B 40 6.23 -18.94 -21.88
CA GLY B 40 5.73 -17.87 -22.73
C GLY B 40 6.00 -16.47 -22.21
N HIS B 41 6.54 -16.30 -21.01
CA HIS B 41 6.80 -14.95 -20.52
C HIS B 41 7.91 -14.32 -21.34
N LYS B 42 7.75 -13.02 -21.63
CA LYS B 42 8.83 -12.20 -22.20
C LYS B 42 9.24 -11.09 -21.26
N ASP B 43 8.31 -10.57 -20.47
CA ASP B 43 8.58 -9.42 -19.60
C ASP B 43 9.14 -9.97 -18.29
N ILE B 44 10.46 -10.17 -18.28
CA ILE B 44 11.19 -10.74 -17.15
C ILE B 44 12.38 -9.83 -16.85
N THR B 45 12.48 -9.37 -15.60
CA THR B 45 13.60 -8.54 -15.15
C THR B 45 14.25 -9.20 -13.96
N VAL B 46 15.58 -9.31 -13.99
CA VAL B 46 16.38 -9.80 -12.87
C VAL B 46 17.25 -8.63 -12.42
N PHE B 47 17.15 -8.24 -11.13
CA PHE B 47 18.06 -7.21 -10.59
C PHE B 47 19.19 -7.89 -9.84
N VAL B 48 20.42 -7.44 -10.10
CA VAL B 48 21.61 -7.89 -9.37
C VAL B 48 22.48 -6.67 -9.07
N PRO B 49 23.09 -6.52 -7.89
CA PRO B 49 24.00 -5.37 -7.66
C PRO B 49 25.23 -5.37 -8.55
N ALA B 50 25.63 -4.18 -9.01
CA ALA B 50 26.74 -4.12 -9.96
C ALA B 50 28.05 -4.68 -9.38
N TRP B 51 28.23 -4.65 -8.06
CA TRP B 51 29.50 -5.13 -7.51
C TRP B 51 29.69 -6.64 -7.70
N ARG B 52 28.62 -7.37 -8.05
CA ARG B 52 28.78 -8.79 -8.38
C ARG B 52 29.52 -9.01 -9.69
N LYS B 53 29.91 -7.94 -10.43
CA LYS B 53 30.83 -8.15 -11.54
C LYS B 53 32.28 -8.28 -11.09
N GLU B 54 32.59 -7.97 -9.85
CA GLU B 54 33.95 -8.08 -9.34
C GLU B 54 34.36 -9.56 -9.24
N GLN B 55 35.68 -9.77 -9.22
CA GLN B 55 36.22 -11.13 -9.33
C GLN B 55 35.78 -12.00 -8.15
N SER B 56 35.55 -13.29 -8.43
CA SER B 56 35.30 -14.26 -7.37
C SER B 56 36.42 -14.23 -6.33
N ARG B 57 36.04 -14.34 -5.06
CA ARG B 57 37.01 -14.34 -3.97
C ARG B 57 36.45 -15.21 -2.85
N PRO B 58 37.32 -15.68 -1.93
CA PRO B 58 36.88 -16.71 -0.96
C PRO B 58 35.69 -16.32 -0.11
N ASP B 59 35.53 -15.05 0.26
CA ASP B 59 34.38 -14.64 1.05
C ASP B 59 33.20 -14.17 0.21
N ALA B 60 33.29 -14.27 -1.12
CA ALA B 60 32.18 -13.93 -2.00
C ALA B 60 32.31 -14.77 -3.27
N LEU B 61 32.17 -16.09 -3.10
CA LEU B 61 32.34 -17.01 -4.22
C LEU B 61 31.22 -16.81 -5.24
N ILE B 62 31.58 -16.84 -6.52
CA ILE B 62 30.62 -16.74 -7.61
C ILE B 62 31.04 -17.69 -8.72
N THR B 63 30.06 -18.32 -9.38
CA THR B 63 30.32 -19.26 -10.46
C THR B 63 29.51 -18.88 -11.68
N ASP B 64 30.06 -19.19 -12.86
CA ASP B 64 29.46 -18.83 -14.15
C ASP B 64 29.09 -17.35 -14.23
N GLN B 65 30.02 -16.49 -13.81
CA GLN B 65 29.77 -15.04 -13.79
C GLN B 65 29.44 -14.48 -15.17
N GLU B 66 29.94 -15.11 -16.24
CA GLU B 66 29.68 -14.61 -17.59
C GLU B 66 28.18 -14.53 -17.87
N ILE B 67 27.38 -15.37 -17.19
CA ILE B 67 25.94 -15.37 -17.37
C ILE B 67 25.36 -13.98 -17.13
N LEU B 68 25.87 -13.27 -16.12
CA LEU B 68 25.31 -11.96 -15.81
C LEU B 68 25.43 -11.02 -17.01
N ARG B 69 26.62 -10.97 -17.61
CA ARG B 69 26.79 -10.02 -18.71
C ARG B 69 25.94 -10.43 -19.91
N LYS B 70 25.80 -11.75 -20.12
CA LYS B 70 24.94 -12.19 -21.22
C LYS B 70 23.51 -11.78 -20.97
N LEU B 71 23.03 -11.98 -19.73
CA LEU B 71 21.64 -11.64 -19.46
C LEU B 71 21.44 -10.13 -19.55
N GLU B 72 22.50 -9.35 -19.27
CA GLU B 72 22.34 -7.91 -19.40
C GLU B 72 22.23 -7.51 -20.86
N LYS B 73 23.00 -8.16 -21.73
CA LYS B 73 22.91 -7.74 -23.13
C LYS B 73 21.59 -8.19 -23.74
N GLU B 74 21.01 -9.27 -23.22
CA GLU B 74 19.66 -9.71 -23.59
C GLU B 74 18.55 -8.84 -23.01
N LYS B 75 18.89 -7.80 -22.23
CA LYS B 75 17.98 -6.89 -21.56
C LYS B 75 17.13 -7.55 -20.47
N ILE B 76 17.43 -8.77 -20.05
CA ILE B 76 16.71 -9.44 -18.97
C ILE B 76 17.27 -9.04 -17.61
N LEU B 77 18.58 -8.91 -17.49
CA LEU B 77 19.21 -8.55 -16.23
C LEU B 77 19.59 -7.08 -16.24
N VAL B 78 19.32 -6.41 -15.11
CA VAL B 78 19.66 -5.01 -14.89
C VAL B 78 20.50 -4.94 -13.61
N PHE B 79 21.66 -4.29 -13.70
CA PHE B 79 22.47 -4.09 -12.51
C PHE B 79 21.98 -2.89 -11.73
N THR B 80 21.89 -3.05 -10.43
CA THR B 80 21.58 -1.93 -9.56
C THR B 80 22.87 -1.24 -9.08
N PRO B 81 22.84 0.07 -8.82
CA PRO B 81 24.11 0.80 -8.66
C PRO B 81 24.88 0.45 -7.40
N SER B 82 26.21 0.51 -7.52
CA SER B 82 27.11 0.50 -6.36
C SER B 82 28.43 1.11 -6.77
N ARG B 83 29.19 1.58 -5.78
CA ARG B 83 30.48 2.19 -6.10
C ARG B 83 31.30 2.26 -4.83
N ARG B 84 32.57 2.61 -4.98
CA ARG B 84 33.44 2.81 -3.83
C ARG B 84 33.56 4.31 -3.54
N VAL B 85 33.37 4.67 -2.27
CA VAL B 85 33.53 6.03 -1.77
C VAL B 85 34.52 5.96 -0.62
N GLN B 86 35.61 6.73 -0.72
CA GLN B 86 36.68 6.71 0.27
C GLN B 86 37.09 5.27 0.58
N GLY B 87 37.22 4.46 -0.47
CA GLY B 87 37.66 3.09 -0.35
C GLY B 87 36.60 2.08 0.05
N ARG B 88 35.45 2.51 0.56
CA ARG B 88 34.44 1.59 1.07
C ARG B 88 33.33 1.39 0.05
N ARG B 89 32.83 0.16 -0.03
CA ARG B 89 31.73 -0.14 -0.94
C ARG B 89 30.44 0.48 -0.42
N VAL B 90 29.79 1.27 -1.27
CA VAL B 90 28.47 1.83 -1.00
C VAL B 90 27.50 1.23 -2.00
N VAL B 91 26.47 0.57 -1.49
CA VAL B 91 25.53 -0.20 -2.30
C VAL B 91 24.14 0.40 -2.14
N CYS B 92 23.44 0.57 -3.26
CA CYS B 92 22.01 0.87 -3.21
C CYS B 92 21.26 -0.43 -2.99
N TYR B 93 20.24 -0.38 -2.11
CA TYR B 93 19.46 -1.59 -1.80
C TYR B 93 18.73 -2.08 -3.02
N ASP B 94 19.05 -3.30 -3.48
CA ASP B 94 18.38 -3.82 -4.67
C ASP B 94 16.93 -4.20 -4.38
N ASP B 95 16.61 -4.53 -3.12
CA ASP B 95 15.24 -4.91 -2.82
C ASP B 95 14.27 -3.79 -3.18
N ARG B 96 14.70 -2.54 -2.99
CA ARG B 96 13.81 -1.44 -3.32
C ARG B 96 13.55 -1.34 -4.83
N PHE B 97 14.55 -1.63 -5.66
CA PHE B 97 14.34 -1.68 -7.12
C PHE B 97 13.34 -2.79 -7.47
N ILE B 98 13.53 -3.97 -6.88
CA ILE B 98 12.68 -5.12 -7.13
C ILE B 98 11.22 -4.81 -6.81
N VAL B 99 10.96 -4.33 -5.58
CA VAL B 99 9.58 -4.07 -5.16
C VAL B 99 8.98 -2.92 -5.96
N LYS B 100 9.72 -1.83 -6.13
CA LYS B 100 9.16 -0.69 -6.87
C LYS B 100 8.78 -1.10 -8.29
N LEU B 101 9.67 -1.79 -9.00
CA LEU B 101 9.36 -2.20 -10.37
C LEU B 101 8.16 -3.14 -10.41
N ALA B 102 8.14 -4.15 -9.54
CA ALA B 102 7.01 -5.07 -9.60
C ALA B 102 5.71 -4.35 -9.28
N PHE B 103 5.72 -3.45 -8.28
CA PHE B 103 4.52 -2.72 -7.91
C PHE B 103 4.04 -1.85 -9.05
N GLU B 104 4.97 -1.13 -9.68
CA GLU B 104 4.54 -0.17 -10.69
C GLU B 104 4.13 -0.83 -12.00
N SER B 105 4.60 -2.04 -12.27
CA SER B 105 4.17 -2.81 -13.44
C SER B 105 3.06 -3.82 -13.13
N ASP B 106 2.54 -3.83 -11.90
CA ASP B 106 1.47 -4.75 -11.50
C ASP B 106 1.90 -6.20 -11.73
N GLY B 107 3.12 -6.52 -11.32
CA GLY B 107 3.74 -7.81 -11.60
C GLY B 107 3.80 -8.74 -10.41
N ILE B 108 4.77 -9.65 -10.46
CA ILE B 108 5.02 -10.61 -9.38
C ILE B 108 6.51 -10.56 -9.05
N ILE B 109 6.83 -10.91 -7.80
CA ILE B 109 8.20 -10.90 -7.32
C ILE B 109 8.63 -12.34 -7.06
N VAL B 110 9.77 -12.75 -7.62
CA VAL B 110 10.35 -14.07 -7.33
C VAL B 110 11.46 -13.89 -6.29
N SER B 111 11.23 -14.45 -5.10
CA SER B 111 12.10 -14.21 -3.94
C SER B 111 11.64 -15.11 -2.80
N ASN B 112 12.60 -15.75 -2.13
CA ASN B 112 12.28 -16.40 -0.86
C ASN B 112 12.45 -15.46 0.32
N ASP B 113 12.97 -14.25 0.08
CA ASP B 113 12.97 -13.18 1.06
C ASP B 113 11.62 -12.46 0.95
N ASN B 114 10.92 -12.31 2.07
CA ASN B 114 9.60 -11.67 2.02
C ASN B 114 9.62 -10.16 2.29
N TYR B 115 10.78 -9.54 2.37
CA TYR B 115 10.89 -8.08 2.39
C TYR B 115 10.11 -7.45 3.54
N ARG B 116 10.28 -8.00 4.76
CA ARG B 116 9.54 -7.50 5.91
C ARG B 116 9.78 -6.01 6.15
N ASP B 117 11.04 -5.55 6.03
CA ASP B 117 11.30 -4.13 6.29
C ASP B 117 10.61 -3.24 5.27
N LEU B 118 10.65 -3.61 3.98
CA LEU B 118 9.98 -2.78 2.98
C LEU B 118 8.47 -2.82 3.16
N ALA B 119 7.91 -3.99 3.47
CA ALA B 119 6.47 -4.07 3.68
C ALA B 119 6.05 -3.21 4.86
N ASN B 120 6.89 -3.17 5.92
CA ASN B 120 6.54 -2.35 7.07
C ASN B 120 6.68 -0.88 6.76
N GLU B 121 7.54 -0.51 5.82
CA GLU B 121 7.74 0.90 5.51
C GLU B 121 6.56 1.53 4.79
N LYS B 122 5.98 0.85 3.79
CA LYS B 122 4.96 1.43 2.91
C LYS B 122 3.73 0.54 2.81
N PRO B 123 2.55 0.98 3.25
CA PRO B 123 1.36 0.10 3.22
C PRO B 123 0.98 -0.45 1.84
N GLU B 124 1.12 0.33 0.77
CA GLU B 124 0.90 -0.22 -0.57
C GLU B 124 1.82 -1.39 -0.85
N TRP B 125 3.06 -1.31 -0.39
CA TRP B 125 3.98 -2.42 -0.61
C TRP B 125 3.62 -3.60 0.29
N LYS B 126 3.15 -3.35 1.51
CA LYS B 126 2.76 -4.47 2.36
C LYS B 126 1.71 -5.33 1.65
N LYS B 127 0.65 -4.69 1.16
CA LYS B 127 -0.42 -5.45 0.49
C LYS B 127 0.09 -6.15 -0.77
N PHE B 128 0.86 -5.42 -1.59
CA PHE B 128 1.42 -5.98 -2.81
C PHE B 128 2.29 -7.20 -2.52
N ILE B 129 3.21 -7.09 -1.56
CA ILE B 129 4.08 -8.22 -1.23
C ILE B 129 3.26 -9.39 -0.69
N ASP B 130 2.22 -9.11 0.11
CA ASP B 130 1.39 -10.20 0.63
C ASP B 130 0.76 -11.00 -0.50
N GLU B 131 0.38 -10.31 -1.60
CA GLU B 131 -0.37 -10.97 -2.66
C GLU B 131 0.46 -11.39 -3.86
N ARG B 132 1.69 -10.93 -4.00
CA ARG B 132 2.40 -11.10 -5.28
C ARG B 132 3.79 -11.72 -5.13
N LEU B 133 4.14 -12.23 -3.95
CA LEU B 133 5.43 -12.86 -3.74
C LEU B 133 5.37 -14.32 -4.18
N LEU B 134 6.30 -14.72 -5.05
CA LEU B 134 6.40 -16.10 -5.50
C LEU B 134 7.66 -16.72 -4.91
N MET B 135 7.49 -17.59 -3.90
CA MET B 135 8.60 -18.35 -3.33
C MET B 135 8.91 -19.56 -4.22
N TYR B 136 9.94 -20.34 -3.89
CA TYR B 136 10.33 -21.44 -4.78
C TYR B 136 11.26 -22.37 -4.03
N SER B 137 11.47 -23.55 -4.61
CA SER B 137 12.55 -24.45 -4.18
C SER B 137 13.33 -24.89 -5.42
N PHE B 138 14.64 -25.07 -5.29
CA PHE B 138 15.42 -25.77 -6.30
C PHE B 138 15.58 -27.23 -5.88
N VAL B 139 15.56 -28.14 -6.85
CA VAL B 139 16.12 -29.47 -6.65
C VAL B 139 17.20 -29.63 -7.72
N ASN B 140 18.46 -29.42 -7.33
CA ASN B 140 19.58 -29.39 -8.29
C ASN B 140 19.25 -28.29 -9.27
N ASP B 141 19.10 -28.57 -10.56
CA ASP B 141 18.81 -27.54 -11.55
C ASP B 141 17.33 -27.44 -11.89
N LYS B 142 16.47 -28.12 -11.13
CA LYS B 142 15.04 -28.03 -11.34
C LYS B 142 14.46 -26.91 -10.48
N PHE B 143 14.04 -25.81 -11.13
CA PHE B 143 13.36 -24.71 -10.45
C PHE B 143 11.89 -25.05 -10.23
N MET B 144 11.44 -25.10 -8.96
CA MET B 144 10.09 -25.55 -8.62
C MET B 144 9.35 -24.51 -7.80
N PRO B 145 8.62 -23.58 -8.44
CA PRO B 145 7.68 -22.73 -7.71
C PRO B 145 6.48 -23.55 -7.25
N PRO B 146 5.83 -23.15 -6.15
CA PRO B 146 4.66 -23.89 -5.68
C PRO B 146 3.44 -23.72 -6.58
N ASP B 147 2.65 -24.80 -6.69
CA ASP B 147 1.38 -24.69 -7.42
C ASP B 147 0.34 -23.90 -6.64
N ASP B 148 0.58 -23.70 -5.34
CA ASP B 148 -0.32 -22.98 -4.45
C ASP B 148 0.47 -21.84 -3.81
N PRO B 149 0.84 -20.84 -4.61
CA PRO B 149 1.79 -19.81 -4.14
C PRO B 149 1.33 -19.00 -2.95
N LEU B 150 0.01 -18.84 -2.78
CA LEU B 150 -0.60 -18.18 -1.63
C LEU B 150 -1.31 -19.16 -0.69
N GLY B 151 -1.01 -20.45 -0.81
CA GLY B 151 -1.64 -21.45 0.04
C GLY B 151 -2.93 -22.01 -0.53
N ARG B 152 -3.53 -22.90 0.27
CA ARG B 152 -4.70 -23.67 -0.18
C ARG B 152 -5.89 -22.80 -0.54
N HIS B 153 -6.03 -21.65 0.10
CA HIS B 153 -7.17 -20.78 -0.17
C HIS B 153 -6.88 -19.75 -1.24
N GLY B 154 -5.70 -19.79 -1.86
CA GLY B 154 -5.37 -18.83 -2.88
C GLY B 154 -5.46 -19.41 -4.27
N PRO B 155 -5.00 -18.65 -5.26
CA PRO B 155 -5.07 -19.10 -6.65
C PRO B 155 -4.03 -20.16 -6.99
N SER B 156 -4.32 -20.91 -8.06
CA SER B 156 -3.33 -21.77 -8.67
C SER B 156 -2.15 -20.93 -9.19
N LEU B 157 -1.01 -21.58 -9.34
CA LEU B 157 0.14 -20.89 -9.94
C LEU B 157 -0.20 -20.31 -11.31
N ASP B 158 -0.94 -21.08 -12.12
CA ASP B 158 -1.33 -20.63 -13.46
C ASP B 158 -2.09 -19.31 -13.41
N ASN B 159 -3.08 -19.18 -12.52
CA ASN B 159 -3.85 -17.94 -12.41
C ASN B 159 -3.02 -16.82 -11.77
N PHE B 160 -2.17 -17.18 -10.82
CA PHE B 160 -1.32 -16.22 -10.12
C PHE B 160 -0.39 -15.47 -11.07
N LEU B 161 0.08 -16.15 -12.11
CA LEU B 161 1.00 -15.53 -13.06
C LEU B 161 0.27 -14.76 -14.18
N ARG B 162 -1.05 -14.61 -14.09
CA ARG B 162 -1.86 -13.89 -15.08
C ARG B 162 -2.59 -12.72 -14.43
N LYS B 163 -2.95 -11.73 -15.26
CA LYS B 163 -3.82 -10.66 -14.81
C LYS B 163 -5.21 -11.19 -14.47
N LYS B 164 -5.98 -10.38 -13.74
CA LYS B 164 -7.37 -10.74 -13.48
C LYS B 164 -8.18 -10.69 -14.77
N PRO B 165 -8.88 -11.77 -15.12
CA PRO B 165 -9.76 -11.70 -16.29
C PRO B 165 -10.87 -10.69 -16.09
N ILE B 166 -11.39 -10.17 -17.20
CA ILE B 166 -12.51 -9.22 -17.12
C ILE B 166 -13.79 -10.00 -16.93
N VAL B 167 -14.60 -9.56 -15.97
CA VAL B 167 -15.89 -10.19 -15.68
C VAL B 167 -16.91 -9.71 -16.71
N PRO B 168 -17.58 -10.62 -17.42
CA PRO B 168 -18.54 -10.20 -18.44
C PRO B 168 -19.69 -9.43 -17.83
N GLU B 169 -20.33 -8.61 -18.66
CA GLU B 169 -21.41 -7.74 -18.19
C GLU B 169 -22.56 -8.53 -17.57
N HIS B 170 -23.01 -9.58 -18.27
CA HIS B 170 -24.16 -10.32 -17.78
C HIS B 170 -23.88 -11.04 -16.47
N LYS B 171 -22.60 -11.37 -16.19
CA LYS B 171 -22.26 -11.98 -14.92
C LYS B 171 -22.29 -11.00 -13.76
N LYS B 172 -22.38 -9.69 -14.02
CA LYS B 172 -22.64 -8.73 -12.95
C LYS B 172 -24.14 -8.61 -12.64
N GLN B 173 -24.99 -9.36 -13.33
CA GLN B 173 -26.45 -9.25 -13.21
C GLN B 173 -27.02 -10.48 -12.52
N PRO B 174 -27.84 -10.30 -11.48
CA PRO B 174 -28.57 -11.47 -10.94
C PRO B 174 -29.55 -11.99 -11.97
N CYS B 175 -29.67 -13.32 -12.03
CA CYS B 175 -30.50 -13.94 -13.04
C CYS B 175 -31.95 -13.48 -12.91
N PRO B 176 -32.58 -13.02 -14.00
CA PRO B 176 -34.00 -12.62 -13.92
C PRO B 176 -34.94 -13.77 -13.60
N TYR B 177 -34.50 -15.02 -13.72
CA TYR B 177 -35.41 -16.15 -13.56
C TYR B 177 -35.27 -16.81 -12.20
N GLY B 178 -34.26 -16.46 -11.42
CA GLY B 178 -34.15 -16.96 -10.06
C GLY B 178 -34.01 -18.47 -9.99
N LYS B 179 -34.77 -19.09 -9.09
CA LYS B 179 -34.72 -20.54 -8.93
C LYS B 179 -35.51 -21.28 -10.02
N LYS B 180 -36.23 -20.55 -10.87
CA LYS B 180 -36.88 -21.13 -12.05
C LYS B 180 -35.95 -21.26 -13.24
N CYS B 181 -34.74 -20.72 -13.17
CA CYS B 181 -33.78 -20.80 -14.27
C CYS B 181 -33.55 -22.23 -14.73
N THR B 182 -33.82 -22.48 -16.02
CA THR B 182 -33.71 -23.78 -16.68
C THR B 182 -32.35 -24.00 -17.33
N TYR B 183 -31.63 -22.92 -17.62
CA TYR B 183 -30.47 -23.00 -18.48
C TYR B 183 -29.28 -23.63 -17.76
N GLY B 184 -29.36 -23.80 -16.44
CA GLY B 184 -28.33 -24.51 -15.70
C GLY B 184 -26.97 -23.86 -15.91
N HIS B 185 -26.04 -24.66 -16.44
CA HIS B 185 -24.67 -24.17 -16.68
C HIS B 185 -24.59 -23.23 -17.86
N LYS B 186 -25.54 -23.28 -18.79
CA LYS B 186 -25.51 -22.42 -19.96
C LYS B 186 -26.02 -21.01 -19.68
N CYS B 187 -26.43 -20.70 -18.44
CA CYS B 187 -27.03 -19.39 -18.16
C CYS B 187 -25.97 -18.29 -18.07
N LYS B 188 -26.26 -17.16 -18.73
CA LYS B 188 -25.31 -16.06 -18.84
C LYS B 188 -25.22 -15.20 -17.58
N TYR B 189 -26.15 -15.34 -16.64
CA TYR B 189 -26.28 -14.45 -15.50
C TYR B 189 -25.61 -15.02 -14.25
N TYR B 190 -25.66 -14.23 -13.17
CA TYR B 190 -25.07 -14.62 -11.90
C TYR B 190 -26.08 -15.38 -11.04
N HIS B 191 -25.67 -16.56 -10.56
CA HIS B 191 -26.30 -17.36 -9.53
C HIS B 191 -25.28 -17.64 -8.43
N PRO B 192 -25.71 -17.67 -7.15
CA PRO B 192 -24.77 -18.12 -6.12
C PRO B 192 -24.57 -19.63 -6.12
#